data_3LLE
#
_entry.id   3LLE
#
_cell.length_a   46.267
_cell.length_b   46.267
_cell.length_c   172.413
_cell.angle_alpha   90.000
_cell.angle_beta   90.000
_cell.angle_gamma   120.000
#
_symmetry.space_group_name_H-M   'P 32 2 1'
#
loop_
_entity.id
_entity.type
_entity.pdbx_description
1 polymer 'Protein S100-B'
2 non-polymer 'CALCIUM ION'
3 non-polymer 13-methyl-13,14-dihydro[1,3]benzodioxolo[5,6-c][1,3]dioxolo[4,5-i]phenanthridine
4 water water
#
_entity_poly.entity_id   1
_entity_poly.type   'polypeptide(L)'
_entity_poly.pdbx_seq_one_letter_code
;MSELEKAVVALIDVFHQYSGREGDKHKLKKSELKELINNELSHFLEEIKEQEVVDKVMETLDSDGDGECDFQEFMAFVAM
ITTACHEFFEHE
;
_entity_poly.pdbx_strand_id   A,B
#
loop_
_chem_comp.id
_chem_comp.type
_chem_comp.name
_chem_comp.formula
CA non-polymer 'CALCIUM ION' 'Ca 2'
SGE non-polymer 13-methyl-13,14-dihydro[1,3]benzodioxolo[5,6-c][1,3]dioxolo[4,5-i]phenanthridine 'C20 H15 N O4'
#
# COMPACT_ATOMS: atom_id res chain seq x y z
N MET A 1 12.47 -14.93 -0.59
CA MET A 1 11.11 -14.31 -0.68
C MET A 1 10.88 -13.66 -2.07
N SER A 2 9.64 -13.30 -2.37
CA SER A 2 9.35 -12.68 -3.69
C SER A 2 9.69 -11.19 -3.66
N GLU A 3 9.77 -10.58 -4.84
CA GLU A 3 10.06 -9.16 -4.95
C GLU A 3 8.94 -8.39 -4.23
N LEU A 4 7.69 -8.81 -4.42
CA LEU A 4 6.57 -8.18 -3.75
C LEU A 4 6.72 -8.21 -2.22
N GLU A 5 7.03 -9.39 -1.68
CA GLU A 5 7.18 -9.54 -0.27
C GLU A 5 8.29 -8.68 0.27
N LYS A 6 9.40 -8.60 -0.43
CA LYS A 6 10.52 -7.76 0.06
C LYS A 6 10.04 -6.26 0.11
N ALA A 7 9.33 -5.86 -0.95
CA ALA A 7 8.81 -4.47 -1.06
C ALA A 7 7.81 -4.16 0.11
N VAL A 8 6.93 -5.12 0.39
CA VAL A 8 5.92 -4.95 1.43
C VAL A 8 6.64 -4.73 2.77
N VAL A 9 7.60 -5.61 3.08
CA VAL A 9 8.38 -5.48 4.32
C VAL A 9 9.11 -4.13 4.36
N ALA A 10 9.66 -3.69 3.23
CA ALA A 10 10.33 -2.37 3.21
C ALA A 10 9.35 -1.24 3.56
N LEU A 11 8.13 -1.35 3.04
CA LEU A 11 7.07 -0.33 3.25
CA LEU A 11 7.13 -0.32 3.23
C LEU A 11 6.71 -0.31 4.73
N ILE A 12 6.58 -1.46 5.36
CA ILE A 12 6.24 -1.53 6.78
C ILE A 12 7.38 -0.95 7.60
N ASP A 13 8.61 -1.30 7.19
CA ASP A 13 9.78 -0.86 7.94
C ASP A 13 9.85 0.69 7.93
N VAL A 14 9.76 1.30 6.75
CA VAL A 14 9.86 2.81 6.73
C VAL A 14 8.69 3.46 7.48
N PHE A 15 7.48 2.91 7.34
CA PHE A 15 6.35 3.45 8.14
C PHE A 15 6.66 3.53 9.62
N HIS A 16 7.20 2.43 10.19
CA HIS A 16 7.50 2.37 11.59
C HIS A 16 8.67 3.21 11.95
N GLN A 17 9.57 3.47 11.01
CA GLN A 17 10.69 4.35 11.35
C GLN A 17 10.20 5.73 11.74
N TYR A 18 9.08 6.12 11.17
CA TYR A 18 8.48 7.43 11.45
C TYR A 18 7.39 7.31 12.49
N SER A 19 6.56 6.24 12.42
CA SER A 19 5.39 6.18 13.30
C SER A 19 5.79 5.96 14.75
N GLY A 20 6.92 5.27 14.96
CA GLY A 20 7.46 4.94 16.28
C GLY A 20 8.19 6.09 17.00
N ARG A 21 8.20 7.29 16.41
CA ARG A 21 9.01 8.38 17.00
C ARG A 21 8.33 8.97 18.22
N GLU A 22 7.04 9.24 18.09
CA GLU A 22 6.26 9.83 19.21
C GLU A 22 4.88 9.23 19.34
N GLY A 23 4.33 9.41 20.53
CA GLY A 23 2.99 8.98 20.88
C GLY A 23 2.65 7.56 20.43
N ASP A 24 1.48 7.42 19.83
CA ASP A 24 1.05 6.14 19.26
C ASP A 24 2.15 5.67 18.32
N LYS A 25 2.79 4.54 18.68
CA LYS A 25 3.90 4.02 17.93
C LYS A 25 3.49 3.37 16.60
N HIS A 26 2.17 3.18 16.39
CA HIS A 26 1.66 2.57 15.15
C HIS A 26 0.92 3.54 14.25
N LYS A 27 0.93 4.83 14.58
CA LYS A 27 0.34 5.82 13.71
C LYS A 27 1.29 7.04 13.52
N LEU A 28 1.11 7.75 12.40
CA LEU A 28 1.85 8.95 12.11
C LEU A 28 1.02 10.15 12.50
N LYS A 29 1.52 10.90 13.50
CA LYS A 29 0.95 12.21 13.77
C LYS A 29 1.45 13.19 12.68
N LYS A 30 0.94 14.41 12.66
CA LYS A 30 1.34 15.34 11.62
C LYS A 30 2.85 15.56 11.51
N SER A 31 3.56 15.77 12.61
CA SER A 31 5.04 15.91 12.56
C SER A 31 5.76 14.71 11.92
N GLU A 32 5.34 13.49 12.25
CA GLU A 32 5.98 12.30 11.72
C GLU A 32 5.66 12.16 10.19
N LEU A 33 4.43 12.49 9.82
CA LEU A 33 3.99 12.37 8.44
C LEU A 33 4.79 13.37 7.58
N LYS A 34 4.96 14.58 8.08
CA LYS A 34 5.71 15.64 7.36
C LYS A 34 7.14 15.13 7.12
N GLU A 35 7.75 14.63 8.18
CA GLU A 35 9.13 14.08 8.17
CA GLU A 35 9.13 14.16 8.07
C GLU A 35 9.22 12.95 7.16
N LEU A 36 8.27 12.04 7.25
CA LEU A 36 8.30 10.91 6.27
C LEU A 36 8.22 11.41 4.82
N ILE A 37 7.28 12.30 4.52
CA ILE A 37 7.12 12.82 3.17
C ILE A 37 8.38 13.55 2.70
N ASN A 38 8.96 14.40 3.53
CA ASN A 38 10.10 15.22 3.16
C ASN A 38 11.37 14.41 2.93
N ASN A 39 11.53 13.34 3.69
CA ASN A 39 12.74 12.56 3.66
C ASN A 39 12.68 11.32 2.79
N GLU A 40 11.47 10.79 2.60
CA GLU A 40 11.29 9.50 1.88
C GLU A 40 10.43 9.55 0.62
N LEU A 41 9.65 10.63 0.43
CA LEU A 41 8.81 10.72 -0.77
C LEU A 41 9.10 11.94 -1.62
N SER A 42 10.37 12.33 -1.63
CA SER A 42 10.74 13.59 -2.33
C SER A 42 10.62 13.47 -3.86
N HIS A 43 10.58 12.27 -4.42
CA HIS A 43 10.36 12.15 -5.87
C HIS A 43 8.87 12.25 -6.24
N PHE A 44 8.00 11.84 -5.33
CA PHE A 44 6.57 11.84 -5.62
C PHE A 44 5.85 13.10 -5.20
N LEU A 45 6.40 13.78 -4.21
CA LEU A 45 5.74 14.93 -3.69
C LEU A 45 6.74 16.09 -3.49
N GLU A 46 6.24 17.33 -3.58
CA GLU A 46 7.07 18.49 -3.26
C GLU A 46 7.37 18.52 -1.77
N GLU A 47 8.55 19.02 -1.42
CA GLU A 47 8.89 19.27 0.01
C GLU A 47 7.81 20.10 0.68
N ILE A 48 7.39 19.68 1.88
CA ILE A 48 6.34 20.36 2.59
C ILE A 48 7.01 21.44 3.45
N LYS A 49 6.64 22.69 3.19
CA LYS A 49 7.22 23.81 3.94
C LYS A 49 6.13 24.65 4.59
N GLU A 50 4.85 24.35 4.30
CA GLU A 50 3.75 25.18 4.82
CA GLU A 50 3.79 25.18 4.91
C GLU A 50 2.81 24.34 5.68
N GLN A 51 2.43 24.86 6.84
CA GLN A 51 1.51 24.16 7.72
C GLN A 51 0.21 23.77 7.02
N GLU A 52 -0.32 24.65 6.18
CA GLU A 52 -1.59 24.37 5.47
C GLU A 52 -1.53 23.09 4.63
N VAL A 53 -0.40 22.84 3.99
CA VAL A 53 -0.18 21.64 3.15
C VAL A 53 -0.23 20.39 4.03
N VAL A 54 0.47 20.40 5.20
CA VAL A 54 0.46 19.23 6.17
C VAL A 54 -1.01 18.98 6.58
N ASP A 55 -1.72 20.05 6.96
CA ASP A 55 -3.08 19.95 7.49
C ASP A 55 -3.97 19.28 6.41
N LYS A 56 -3.82 19.73 5.17
CA LYS A 56 -4.64 19.23 4.09
C LYS A 56 -4.31 17.74 3.76
N VAL A 57 -3.03 17.41 3.68
CA VAL A 57 -2.67 15.97 3.44
C VAL A 57 -3.22 15.08 4.55
N MET A 58 -3.05 15.49 5.82
CA MET A 58 -3.57 14.64 6.93
C MET A 58 -5.11 14.53 6.83
N GLU A 59 -5.78 15.65 6.53
CA GLU A 59 -7.20 15.67 6.51
C GLU A 59 -7.71 14.70 5.45
N THR A 60 -7.05 14.72 4.30
CA THR A 60 -7.42 13.90 3.17
C THR A 60 -7.14 12.38 3.45
N LEU A 61 -6.06 12.07 4.18
CA LEU A 61 -5.65 10.60 4.50
C LEU A 61 -6.49 10.02 5.60
N ASP A 62 -6.91 10.86 6.57
CA ASP A 62 -7.40 10.38 7.84
C ASP A 62 -8.87 9.94 7.77
N SER A 63 -9.14 8.78 7.17
CA SER A 63 -10.51 8.25 6.99
C SER A 63 -11.26 7.94 8.27
N ASP A 64 -10.57 7.69 9.38
CA ASP A 64 -11.30 7.37 10.64
C ASP A 64 -11.46 8.57 11.57
N GLY A 65 -10.79 9.66 11.23
CA GLY A 65 -11.02 10.92 11.92
C GLY A 65 -10.35 11.03 13.26
N ASP A 66 -9.35 10.19 13.51
CA ASP A 66 -8.60 10.28 14.77
C ASP A 66 -7.41 11.26 14.76
N GLY A 67 -7.22 11.98 13.65
CA GLY A 67 -6.14 12.96 13.51
C GLY A 67 -4.76 12.42 13.18
N GLU A 68 -4.64 11.09 13.00
CA GLU A 68 -3.38 10.43 12.71
C GLU A 68 -3.52 9.50 11.52
N CYS A 69 -2.38 9.09 10.97
CA CYS A 69 -2.44 8.28 9.75
C CYS A 69 -1.98 6.85 10.18
N ASP A 70 -2.91 5.89 10.17
CA ASP A 70 -2.51 4.51 10.55
C ASP A 70 -2.01 3.76 9.31
N PHE A 71 -1.64 2.48 9.43
CA PHE A 71 -0.98 1.86 8.29
C PHE A 71 -1.92 1.68 7.13
N GLN A 72 -3.17 1.31 7.38
CA GLN A 72 -4.14 1.17 6.27
C GLN A 72 -4.28 2.49 5.49
N GLU A 73 -4.38 3.60 6.24
CA GLU A 73 -4.53 4.87 5.63
C GLU A 73 -3.28 5.24 4.90
N PHE A 74 -2.11 4.81 5.40
CA PHE A 74 -0.83 5.11 4.71
C PHE A 74 -0.81 4.38 3.36
N MET A 75 -1.26 3.10 3.33
CA MET A 75 -1.32 2.32 2.06
C MET A 75 -2.24 3.00 1.04
N ALA A 76 -3.34 3.54 1.51
CA ALA A 76 -4.25 4.28 0.64
C ALA A 76 -3.57 5.58 0.13
N PHE A 77 -2.73 6.20 0.99
CA PHE A 77 -2.01 7.46 0.60
C PHE A 77 -1.00 7.13 -0.46
N VAL A 78 -0.23 6.05 -0.29
CA VAL A 78 0.73 5.60 -1.33
C VAL A 78 0.04 5.35 -2.67
N ALA A 79 -1.15 4.73 -2.66
CA ALA A 79 -1.85 4.48 -3.90
C ALA A 79 -2.25 5.84 -4.55
N MET A 80 -2.73 6.77 -3.75
CA MET A 80 -3.13 8.07 -4.27
CA MET A 80 -3.13 8.09 -4.24
C MET A 80 -1.98 8.82 -4.98
N ILE A 81 -0.82 8.90 -4.35
CA ILE A 81 0.24 9.77 -4.94
C ILE A 81 0.98 9.13 -6.13
N THR A 82 0.71 7.87 -6.38
CA THR A 82 1.34 7.13 -7.49
C THR A 82 0.44 6.90 -8.68
N THR A 83 -0.70 7.59 -8.73
CA THR A 83 -1.57 7.32 -9.88
C THR A 83 -0.92 7.55 -11.24
N ALA A 84 -0.06 8.57 -11.37
CA ALA A 84 0.60 8.86 -12.67
C ALA A 84 1.51 7.70 -13.14
N CYS A 85 1.85 6.75 -12.26
CA CYS A 85 2.82 5.74 -12.65
C CYS A 85 2.23 4.69 -13.53
N HIS A 86 0.96 4.38 -13.31
CA HIS A 86 0.40 3.13 -13.82
C HIS A 86 0.49 2.99 -15.33
N GLU A 87 0.20 4.07 -16.04
CA GLU A 87 0.27 4.08 -17.51
C GLU A 87 1.66 3.64 -18.05
N PHE A 88 2.75 3.79 -17.25
CA PHE A 88 4.10 3.30 -17.63
C PHE A 88 4.37 1.79 -17.54
N PHE A 89 3.43 1.07 -16.93
CA PHE A 89 3.56 -0.34 -16.79
C PHE A 89 2.64 -1.12 -17.74
N GLU A 90 1.82 -0.44 -18.51
CA GLU A 90 1.17 -1.15 -19.64
C GLU A 90 1.87 -0.81 -20.95
N MET B 1 16.28 7.59 -5.68
CA MET B 1 15.03 7.28 -4.92
C MET B 1 15.23 6.54 -3.56
N SER B 2 14.34 6.83 -2.63
CA SER B 2 14.48 6.26 -1.26
C SER B 2 14.09 4.75 -1.32
N GLU B 3 14.47 3.98 -0.31
CA GLU B 3 13.97 2.62 -0.15
C GLU B 3 12.43 2.52 -0.26
N LEU B 4 11.72 3.48 0.32
CA LEU B 4 10.27 3.50 0.31
C LEU B 4 9.74 3.69 -1.14
N GLU B 5 10.38 4.61 -1.87
CA GLU B 5 9.90 4.91 -3.22
C GLU B 5 10.25 3.71 -4.11
N LYS B 6 11.43 3.13 -3.91
CA LYS B 6 11.73 1.90 -4.67
C LYS B 6 10.72 0.77 -4.37
N ALA B 7 10.28 0.65 -3.11
CA ALA B 7 9.32 -0.44 -2.71
C ALA B 7 7.95 -0.16 -3.35
N VAL B 8 7.50 1.09 -3.35
CA VAL B 8 6.24 1.40 -3.98
C VAL B 8 6.31 1.07 -5.50
N VAL B 9 7.39 1.45 -6.19
CA VAL B 9 7.48 1.20 -7.63
C VAL B 9 7.47 -0.35 -7.88
N ALA B 10 8.15 -1.11 -7.01
CA ALA B 10 8.20 -2.55 -7.09
C ALA B 10 6.80 -3.15 -6.91
N LEU B 11 6.05 -2.62 -5.94
CA LEU B 11 4.65 -3.04 -5.69
CA LEU B 11 4.70 -3.09 -5.71
C LEU B 11 3.76 -2.81 -6.93
N ILE B 12 3.77 -1.60 -7.45
CA ILE B 12 3.04 -1.31 -8.68
C ILE B 12 3.46 -2.27 -9.85
N ASP B 13 4.75 -2.52 -10.00
CA ASP B 13 5.28 -3.38 -11.08
C ASP B 13 4.67 -4.79 -10.98
N VAL B 14 4.68 -5.38 -9.78
CA VAL B 14 4.17 -6.79 -9.63
C VAL B 14 2.65 -6.78 -9.81
N PHE B 15 1.98 -5.75 -9.30
CA PHE B 15 0.54 -5.69 -9.52
C PHE B 15 0.21 -5.75 -11.01
N HIS B 16 0.93 -4.97 -11.83
CA HIS B 16 0.72 -4.95 -13.25
C HIS B 16 1.16 -6.24 -13.98
N GLN B 17 2.18 -6.89 -13.42
CA GLN B 17 2.57 -8.24 -13.94
C GLN B 17 1.36 -9.17 -13.97
N TYR B 18 0.46 -9.02 -12.99
CA TYR B 18 -0.80 -9.83 -12.96
C TYR B 18 -2.02 -9.13 -13.55
N SER B 19 -2.26 -7.84 -13.25
CA SER B 19 -3.48 -7.21 -13.78
C SER B 19 -3.51 -7.06 -15.35
N GLY B 20 -2.30 -6.93 -15.91
CA GLY B 20 -2.15 -6.73 -17.36
C GLY B 20 -2.32 -7.97 -18.24
N ARG B 21 -2.55 -9.12 -17.62
CA ARG B 21 -2.60 -10.42 -18.36
C ARG B 21 -3.86 -10.59 -19.15
N GLU B 22 -5.00 -10.23 -18.54
CA GLU B 22 -6.31 -10.42 -19.17
C GLU B 22 -7.31 -9.29 -18.85
N GLY B 23 -8.30 -9.11 -19.74
CA GLY B 23 -9.38 -8.13 -19.55
C GLY B 23 -8.85 -6.76 -19.18
N ASP B 24 -9.48 -6.12 -18.20
CA ASP B 24 -9.05 -4.78 -17.75
C ASP B 24 -7.57 -4.84 -17.39
N LYS B 25 -6.70 -4.03 -18.01
CA LYS B 25 -5.23 -4.20 -17.76
C LYS B 25 -4.79 -3.61 -16.42
N HIS B 26 -5.68 -2.83 -15.78
CA HIS B 26 -5.41 -2.16 -14.51
C HIS B 26 -6.20 -2.75 -13.35
N LYS B 27 -6.90 -3.86 -13.55
CA LYS B 27 -7.47 -4.61 -12.43
C LYS B 27 -7.11 -6.09 -12.48
N LEU B 28 -7.08 -6.73 -11.32
CA LEU B 28 -6.94 -8.19 -11.23
C LEU B 28 -8.31 -8.90 -11.25
N LYS B 29 -8.56 -9.75 -12.23
CA LYS B 29 -9.75 -10.57 -12.13
C LYS B 29 -9.34 -11.76 -11.22
N LYS B 30 -10.27 -12.64 -10.89
CA LYS B 30 -9.98 -13.75 -9.95
C LYS B 30 -8.81 -14.67 -10.33
N SER B 31 -8.68 -15.03 -11.60
CA SER B 31 -7.61 -15.95 -12.07
C SER B 31 -6.25 -15.25 -11.95
N GLU B 32 -6.24 -13.92 -12.09
CA GLU B 32 -4.97 -13.18 -11.93
C GLU B 32 -4.61 -12.99 -10.47
N LEU B 33 -5.60 -12.72 -9.63
CA LEU B 33 -5.41 -12.58 -8.16
C LEU B 33 -4.90 -13.92 -7.56
N LYS B 34 -5.48 -15.03 -8.00
CA LYS B 34 -5.06 -16.38 -7.57
C LYS B 34 -3.57 -16.61 -7.83
N GLU B 35 -3.16 -16.33 -9.08
CA GLU B 35 -1.76 -16.48 -9.47
C GLU B 35 -0.85 -15.55 -8.65
N LEU B 36 -1.26 -14.28 -8.48
CA LEU B 36 -0.42 -13.35 -7.70
C LEU B 36 -0.27 -13.90 -6.29
N ILE B 37 -1.36 -14.31 -5.65
CA ILE B 37 -1.26 -14.76 -4.26
C ILE B 37 -0.36 -16.02 -4.17
N ASN B 38 -0.58 -16.94 -5.07
CA ASN B 38 0.12 -18.19 -5.00
C ASN B 38 1.58 -18.04 -5.34
N ASN B 39 1.91 -17.19 -6.32
CA ASN B 39 3.30 -17.04 -6.75
C ASN B 39 4.06 -16.05 -5.92
N GLU B 40 3.38 -14.99 -5.47
CA GLU B 40 4.12 -13.87 -4.88
C GLU B 40 3.89 -13.61 -3.41
N LEU B 41 2.86 -14.22 -2.81
CA LEU B 41 2.57 -14.02 -1.37
C LEU B 41 2.65 -15.32 -0.53
N SER B 42 3.55 -16.22 -0.93
CA SER B 42 3.59 -17.54 -0.37
C SER B 42 4.04 -17.52 1.13
N HIS B 43 4.73 -16.48 1.56
CA HIS B 43 5.08 -16.36 2.98
C HIS B 43 3.96 -15.80 3.84
N PHE B 44 3.06 -15.02 3.21
CA PHE B 44 2.00 -14.36 3.95
C PHE B 44 0.69 -15.15 3.95
N LEU B 45 0.47 -15.97 2.91
CA LEU B 45 -0.82 -16.64 2.78
C LEU B 45 -0.64 -18.07 2.29
N GLU B 46 -1.56 -18.92 2.70
CA GLU B 46 -1.64 -20.29 2.19
C GLU B 46 -1.95 -20.33 0.70
N GLU B 47 -1.34 -21.28 -0.01
CA GLU B 47 -1.58 -21.49 -1.43
C GLU B 47 -3.07 -21.70 -1.63
N ILE B 48 -3.65 -21.07 -2.66
CA ILE B 48 -5.05 -21.28 -2.95
C ILE B 48 -5.14 -22.32 -4.05
N LYS B 49 -5.87 -23.40 -3.80
CA LYS B 49 -6.06 -24.43 -4.81
C LYS B 49 -7.53 -24.61 -5.26
N GLU B 50 -8.48 -24.09 -4.46
CA GLU B 50 -9.92 -24.21 -4.71
C GLU B 50 -10.55 -22.91 -5.21
N GLN B 51 -11.43 -23.01 -6.23
CA GLN B 51 -12.18 -21.83 -6.73
C GLN B 51 -12.98 -21.02 -5.66
N GLU B 52 -13.69 -21.73 -4.78
CA GLU B 52 -14.47 -21.16 -3.66
C GLU B 52 -13.62 -20.27 -2.74
N VAL B 53 -12.35 -20.64 -2.55
CA VAL B 53 -11.44 -19.82 -1.73
C VAL B 53 -11.05 -18.51 -2.43
N VAL B 54 -10.82 -18.56 -3.74
CA VAL B 54 -10.48 -17.36 -4.50
C VAL B 54 -11.65 -16.42 -4.54
N ASP B 55 -12.84 -17.00 -4.75
CA ASP B 55 -14.10 -16.23 -4.72
C ASP B 55 -14.23 -15.40 -3.44
N LYS B 56 -13.99 -16.04 -2.30
CA LYS B 56 -14.15 -15.37 -1.02
C LYS B 56 -13.08 -14.29 -0.84
N VAL B 57 -11.86 -14.57 -1.27
CA VAL B 57 -10.80 -13.57 -1.12
C VAL B 57 -11.25 -12.33 -1.92
N MET B 58 -11.71 -12.55 -3.16
CA MET B 58 -12.11 -11.44 -4.00
C MET B 58 -13.28 -10.70 -3.38
N GLU B 59 -14.23 -11.46 -2.83
CA GLU B 59 -15.45 -10.89 -2.22
C GLU B 59 -15.06 -10.05 -1.01
N THR B 60 -14.06 -10.52 -0.25
CA THR B 60 -13.65 -9.77 0.93
C THR B 60 -12.96 -8.44 0.62
N LEU B 61 -12.23 -8.38 -0.48
CA LEU B 61 -11.49 -7.17 -0.79
C LEU B 61 -12.19 -6.24 -1.78
N ASP B 62 -13.21 -6.72 -2.50
CA ASP B 62 -13.76 -5.92 -3.58
C ASP B 62 -14.78 -4.86 -3.03
N SER B 63 -14.25 -3.75 -2.53
CA SER B 63 -15.04 -2.73 -1.83
C SER B 63 -16.03 -2.00 -2.70
N ASP B 64 -15.75 -1.89 -3.98
CA ASP B 64 -16.72 -1.17 -4.84
C ASP B 64 -17.72 -2.09 -5.57
N GLY B 65 -17.47 -3.39 -5.58
CA GLY B 65 -18.47 -4.34 -6.06
C GLY B 65 -18.36 -4.71 -7.52
N ASP B 66 -17.28 -4.31 -8.20
CA ASP B 66 -17.15 -4.66 -9.65
C ASP B 66 -16.59 -6.06 -10.03
N GLY B 67 -16.31 -6.92 -9.05
CA GLY B 67 -15.81 -8.28 -9.34
C GLY B 67 -14.30 -8.45 -9.49
N GLU B 68 -13.59 -7.33 -9.37
CA GLU B 68 -12.17 -7.24 -9.65
C GLU B 68 -11.45 -6.40 -8.61
N CYS B 69 -10.12 -6.56 -8.56
CA CYS B 69 -9.31 -5.87 -7.61
C CYS B 69 -8.51 -4.74 -8.28
N ASP B 70 -8.87 -3.47 -8.01
CA ASP B 70 -8.11 -2.34 -8.57
C ASP B 70 -6.90 -2.04 -7.65
N PHE B 71 -6.05 -1.10 -8.04
CA PHE B 71 -4.84 -0.88 -7.25
C PHE B 71 -5.13 -0.43 -5.81
N GLN B 72 -6.05 0.54 -5.65
CA GLN B 72 -6.48 0.93 -4.31
C GLN B 72 -6.91 -0.30 -3.43
N GLU B 73 -7.71 -1.22 -3.99
CA GLU B 73 -8.19 -2.38 -3.24
C GLU B 73 -7.02 -3.34 -2.95
N PHE B 74 -6.09 -3.48 -3.90
CA PHE B 74 -4.91 -4.28 -3.65
C PHE B 74 -4.10 -3.69 -2.47
N MET B 75 -3.94 -2.36 -2.42
CA MET B 75 -3.13 -1.75 -1.41
C MET B 75 -3.77 -2.02 -0.06
N ALA B 76 -5.11 -1.89 0.01
CA ALA B 76 -5.86 -2.27 1.22
C ALA B 76 -5.70 -3.77 1.59
N PHE B 77 -5.70 -4.58 0.58
CA PHE B 77 -5.39 -6.04 0.77
C PHE B 77 -3.99 -6.23 1.37
N VAL B 78 -2.99 -5.51 0.86
CA VAL B 78 -1.63 -5.61 1.43
C VAL B 78 -1.66 -5.22 2.90
N ALA B 79 -2.41 -4.14 3.23
CA ALA B 79 -2.48 -3.76 4.63
C ALA B 79 -3.15 -4.86 5.48
N MET B 80 -4.23 -5.49 4.98
CA MET B 80 -4.95 -6.49 5.74
C MET B 80 -3.98 -7.71 6.06
N ILE B 81 -3.20 -8.12 5.07
CA ILE B 81 -2.36 -9.41 5.25
C ILE B 81 -1.10 -9.13 6.13
N THR B 82 -0.83 -7.85 6.39
CA THR B 82 0.26 -7.42 7.26
C THR B 82 -0.09 -7.12 8.67
N THR B 83 -1.35 -7.35 9.09
CA THR B 83 -1.81 -6.88 10.41
C THR B 83 -0.93 -7.42 11.54
N ALA B 84 -0.50 -8.67 11.39
CA ALA B 84 0.26 -9.37 12.45
C ALA B 84 1.68 -8.88 12.56
N CYS B 85 2.15 -8.17 11.56
CA CYS B 85 3.54 -7.73 11.53
C CYS B 85 3.92 -6.58 12.44
N HIS B 86 3.02 -5.59 12.67
CA HIS B 86 3.38 -4.36 13.30
C HIS B 86 3.90 -4.52 14.70
N GLU B 87 3.34 -5.45 15.46
CA GLU B 87 3.85 -5.63 16.81
C GLU B 87 5.34 -5.98 16.88
N PHE B 88 5.84 -6.67 15.85
CA PHE B 88 7.23 -7.08 15.75
C PHE B 88 8.19 -5.96 15.35
N PHE B 89 7.64 -4.90 14.75
CA PHE B 89 8.39 -3.67 14.45
C PHE B 89 8.50 -2.66 15.57
N GLU B 90 7.65 -2.72 16.58
CA GLU B 90 7.56 -1.67 17.62
C GLU B 90 8.67 -1.76 18.67
CA CA C . 3.55 8.08 16.15
CA CA D . -6.63 7.94 11.18
NAA SGE E . 6.01 6.65 -12.65
CAB SGE E . 6.12 8.48 -10.94
CAC SGE E . 7.38 6.24 -12.27
CAD SGE E . 8.08 6.97 -11.15
CAE SGE E . 7.85 4.95 -12.74
CAF SGE E . 7.53 8.27 -10.61
CAG SGE E . 5.42 7.23 -11.41
CAH SGE E . 5.40 9.61 -10.36
CAI SGE E . 7.08 4.35 -13.78
CAJ SGE E . 9.12 4.44 -12.22
CAK SGE E . 7.66 3.10 -14.19
CAL SGE E . 8.97 2.70 -13.77
CAM SGE E . 9.29 6.42 -10.73
CAN SGE E . 9.71 3.29 -12.75
CAO SGE E . 8.24 9.31 -9.96
CAP SGE E . 6.20 10.63 -9.69
OAQ SGE E . 4.08 10.06 -10.39
OAR SGE E . 7.21 2.29 -15.26
OAS SGE E . 9.22 1.51 -14.41
OAT SGE E . 5.33 11.63 -9.36
CAU SGE E . 3.95 11.28 -9.63
CAV SGE E . 8.22 1.26 -15.46
CAW SGE E . 9.78 5.22 -11.26
CAX SGE E . 7.54 10.47 -9.49
CAY SGE E . 6.04 7.65 -13.76
CA CA F . -6.70 -7.85 -15.60
CA CA G . -13.25 -3.72 -7.28
NAA SGE H . 5.58 -9.86 10.36
CAB SGE H . 4.47 -11.24 8.62
CAC SGE H . 6.77 -9.86 9.50
CAD SGE H . 6.76 -10.42 8.12
CAE SGE H . 7.91 -9.08 9.89
CAF SGE H . 5.65 -11.28 7.78
CAG SGE H . 4.47 -10.12 9.53
CAH SGE H . 3.33 -12.02 8.36
CAI SGE H . 7.91 -8.51 11.16
CAJ SGE H . 9.08 -9.00 8.96
CAK SGE H . 9.09 -7.76 11.49
CAL SGE H . 10.27 -7.78 10.65
CAM SGE H . 7.90 -10.32 7.31
CAN SGE H . 10.27 -8.36 9.38
CAO SGE H . 5.79 -12.39 6.90
CAP SGE H . 3.54 -13.11 7.43
OAQ SGE H . 2.14 -12.14 9.00
OAR SGE H . 9.37 -7.14 12.71
OAS SGE H . 11.21 -7.03 11.31
OAT SGE H . 2.39 -13.78 7.43
CAU SGE H . 1.59 -13.43 8.59
CAV SGE H . 10.71 -6.57 12.60
CAW SGE H . 9.03 -9.64 7.73
CAX SGE H . 4.70 -13.27 6.71
CAY SGE H . 5.80 -11.02 11.34
#